data_4KKJ
#
_entry.id   4KKJ
#
_cell.length_a   150.378
_cell.length_b   150.378
_cell.length_c   60.275
_cell.angle_alpha   90.00
_cell.angle_beta   90.00
_cell.angle_gamma   120.00
#
_symmetry.space_group_name_H-M   'P 64'
#
loop_
_entity.id
_entity.type
_entity.pdbx_description
1 polymer Transcobalamin-1
2 non-polymer 2-acetamido-2-deoxy-beta-D-glucopyranose
3 non-polymer COB(II)INAMIDE
4 non-polymer 'CYANIDE ION'
5 water water
#
_entity_poly.entity_id   1
_entity_poly.type   'polypeptide(L)'
_entity_poly.pdbx_seq_one_letter_code
;MRQSHQLPLVGLLLFSFIPSQLCEICEVSEENYIRLKPLLNTMIQSNYNRGTSAVNVVLSLKLVGIQIQTLMQKMIQQIK
YNVKSRLSDVSSGELALIILALGVCRNAEENLIYDYHLIDKLENKFQAEIENMEAHNGTPLTNYYQLSLDVLALCLFNGN
YSTAEVVNHFTPENKNYYFGSQFSVDTGAMAVLALTCVKKSLINGQIKADEGSLKNISIYTKSLVEKILSEKKENGLIGN
TFSTGEAMQALFVSSDYYNENDWNCQQTLNTVLTEISQGAFSNPNAAAQVLPALMGKTFLDINKDSSCVSASGNFNISAD
EPITVTPPDSQSYISVNYSVRINETYFTNVTVLNGSVFLSVMEKAQKMNDTIFGFTMEERSWGPYITCIQGLCANNNDRT
YWELLSGGEPLSQGAGSYVVRNGENLEVRWSKYLVPRGSLESRGPFEQKLISEEDLNMHTGHHHHHH
;
_entity_poly.pdbx_strand_id   A
#
loop_
_chem_comp.id
_chem_comp.type
_chem_comp.name
_chem_comp.formula
CBY non-polymer COB(II)INAMIDE 'C48 H72 Co N11 O8 1'
CYN non-polymer 'CYANIDE ION' 'C N -1'
NAG D-saccharide, beta linking 2-acetamido-2-deoxy-beta-D-glucopyranose 'C8 H15 N O6'
#
# COMPACT_ATOMS: atom_id res chain seq x y z
N GLU A 24 15.33 -8.47 -13.54
CA GLU A 24 16.24 -9.05 -12.56
C GLU A 24 15.49 -9.39 -11.28
N ILE A 25 15.87 -10.50 -10.65
CA ILE A 25 15.34 -10.86 -9.34
C ILE A 25 16.48 -11.20 -8.40
N CYS A 26 16.52 -10.54 -7.25
CA CYS A 26 17.49 -10.88 -6.21
C CYS A 26 16.76 -11.13 -4.90
N GLU A 27 17.32 -12.01 -4.07
CA GLU A 27 16.69 -12.35 -2.81
C GLU A 27 17.66 -12.15 -1.66
N VAL A 28 17.11 -12.09 -0.45
CA VAL A 28 17.92 -12.12 0.75
C VAL A 28 18.64 -13.45 0.81
N SER A 29 19.97 -13.42 0.86
CA SER A 29 20.75 -14.64 0.99
C SER A 29 20.32 -15.36 2.25
N GLU A 30 20.19 -16.68 2.19
CA GLU A 30 19.75 -17.47 3.33
C GLU A 30 20.73 -17.33 4.49
N GLU A 31 21.94 -16.87 4.18
CA GLU A 31 22.92 -16.54 5.20
C GLU A 31 22.51 -15.23 5.90
N ASN A 32 21.76 -14.39 5.19
CA ASN A 32 21.28 -13.14 5.78
C ASN A 32 19.80 -13.15 6.10
N TYR A 33 19.21 -14.34 6.14
CA TYR A 33 17.79 -14.48 6.47
C TYR A 33 17.47 -13.95 7.85
N ILE A 34 18.48 -13.99 8.74
CA ILE A 34 18.32 -13.54 10.12
C ILE A 34 18.04 -12.04 10.20
N ARG A 35 18.46 -11.31 9.16
CA ARG A 35 18.26 -9.86 9.12
C ARG A 35 16.79 -9.49 9.01
N LEU A 36 15.97 -10.45 8.61
CA LEU A 36 14.53 -10.21 8.44
C LEU A 36 13.76 -10.41 9.74
N LYS A 37 14.46 -10.85 10.77
CA LYS A 37 13.85 -11.06 12.09
C LYS A 37 12.97 -9.91 12.61
N PRO A 38 13.45 -8.64 12.52
CA PRO A 38 12.61 -7.54 13.01
C PRO A 38 11.22 -7.47 12.36
N LEU A 39 11.16 -7.73 11.07
CA LEU A 39 9.87 -7.75 10.36
C LEU A 39 9.01 -8.85 10.93
N LEU A 40 9.61 -10.01 11.10
CA LEU A 40 8.93 -11.18 11.64
C LEU A 40 8.33 -10.84 12.99
N ASN A 41 9.15 -10.31 13.89
CA ASN A 41 8.68 -9.89 15.19
C ASN A 41 7.59 -8.82 15.09
N THR A 42 7.87 -7.76 14.34
CA THR A 42 6.93 -6.66 14.14
C THR A 42 5.55 -7.15 13.73
N MET A 43 5.51 -8.02 12.75
CA MET A 43 4.25 -8.58 12.27
C MET A 43 3.57 -9.44 13.32
N ILE A 44 4.37 -10.08 14.16
CA ILE A 44 3.83 -10.90 15.25
C ILE A 44 3.11 -10.03 16.29
N GLN A 45 3.71 -8.90 16.65
CA GLN A 45 3.11 -8.00 17.64
C GLN A 45 1.78 -7.42 17.16
N SER A 46 1.56 -7.49 15.85
CA SER A 46 0.31 -7.01 15.26
C SER A 46 -0.91 -7.72 15.85
N ASN A 47 -0.70 -8.93 16.36
CA ASN A 47 -1.74 -9.72 17.00
C ASN A 47 -2.50 -8.93 18.05
N TYR A 48 -1.77 -8.21 18.90
CA TYR A 48 -2.37 -7.42 19.95
C TYR A 48 -2.82 -6.05 19.46
N ASN A 49 -3.49 -6.02 18.31
CA ASN A 49 -4.00 -4.77 17.76
C ASN A 49 -5.22 -4.99 16.87
N ARG A 50 -6.39 -4.98 17.49
CA ARG A 50 -7.65 -5.14 16.76
C ARG A 50 -7.87 -3.98 15.81
N GLY A 51 -7.19 -2.86 16.07
CA GLY A 51 -7.30 -1.68 15.23
C GLY A 51 -6.73 -1.90 13.84
N THR A 52 -5.53 -2.46 13.77
CA THR A 52 -4.87 -2.69 12.49
C THR A 52 -5.45 -3.92 11.79
N SER A 53 -5.15 -4.05 10.50
CA SER A 53 -5.61 -5.19 9.73
C SER A 53 -4.59 -6.31 9.76
N ALA A 54 -5.07 -7.54 9.77
CA ALA A 54 -4.20 -8.71 9.74
C ALA A 54 -4.14 -9.32 8.34
N VAL A 55 -4.96 -8.77 7.44
CA VAL A 55 -5.07 -9.31 6.09
C VAL A 55 -3.75 -9.21 5.33
N ASN A 56 -3.24 -8.00 5.18
CA ASN A 56 -1.99 -7.78 4.46
C ASN A 56 -0.81 -8.45 5.15
N VAL A 57 -0.86 -8.49 6.47
CA VAL A 57 0.18 -9.15 7.26
C VAL A 57 0.20 -10.63 6.95
N VAL A 58 -0.96 -11.28 7.01
CA VAL A 58 -1.06 -12.69 6.69
C VAL A 58 -0.78 -12.93 5.20
N LEU A 59 -1.23 -11.99 4.36
CA LEU A 59 -1.00 -12.09 2.92
C LEU A 59 0.47 -12.27 2.59
N SER A 60 1.31 -11.39 3.12
CA SER A 60 2.74 -11.45 2.86
C SER A 60 3.37 -12.73 3.39
N LEU A 61 3.04 -13.07 4.63
CA LEU A 61 3.57 -14.26 5.29
C LEU A 61 3.27 -15.52 4.50
N LYS A 62 2.00 -15.69 4.13
CA LYS A 62 1.55 -16.87 3.38
C LYS A 62 2.25 -16.94 2.04
N LEU A 63 2.53 -15.75 1.47
CA LEU A 63 3.13 -15.64 0.15
C LEU A 63 4.58 -16.09 0.14
N VAL A 64 5.24 -15.99 1.30
CA VAL A 64 6.62 -16.43 1.40
C VAL A 64 6.73 -17.81 2.06
N GLY A 65 5.60 -18.51 2.12
CA GLY A 65 5.58 -19.86 2.65
C GLY A 65 5.70 -19.94 4.16
N ILE A 66 5.39 -18.83 4.83
CA ILE A 66 5.38 -18.80 6.29
C ILE A 66 3.95 -18.71 6.82
N GLN A 67 3.60 -19.62 7.73
CA GLN A 67 2.26 -19.62 8.31
C GLN A 67 2.28 -19.30 9.79
N ILE A 68 1.46 -18.35 10.21
CA ILE A 68 1.33 -18.03 11.62
C ILE A 68 -0.13 -18.18 12.05
N GLN A 69 -0.41 -19.22 12.82
CA GLN A 69 -1.76 -19.53 13.24
C GLN A 69 -2.42 -18.36 13.96
N THR A 70 -1.70 -17.80 14.91
CA THR A 70 -2.21 -16.72 15.75
C THR A 70 -2.71 -15.53 14.93
N LEU A 71 -1.97 -15.18 13.88
CA LEU A 71 -2.36 -14.08 13.01
C LEU A 71 -3.42 -14.55 12.01
N MET A 72 -3.29 -15.79 11.56
CA MET A 72 -4.25 -16.34 10.61
C MET A 72 -5.63 -16.42 11.27
N GLN A 73 -5.65 -16.79 12.56
CA GLN A 73 -6.89 -16.84 13.32
C GLN A 73 -7.50 -15.44 13.42
N LYS A 74 -6.66 -14.46 13.68
CA LYS A 74 -7.11 -13.07 13.78
C LYS A 74 -7.70 -12.60 12.45
N MET A 75 -7.10 -13.05 11.35
CA MET A 75 -7.55 -12.63 10.02
C MET A 75 -8.97 -13.08 9.74
N ILE A 76 -9.24 -14.36 9.95
CA ILE A 76 -10.57 -14.91 9.73
C ILE A 76 -11.59 -14.19 10.59
N GLN A 77 -11.21 -13.90 11.84
CA GLN A 77 -12.07 -13.18 12.77
C GLN A 77 -12.55 -11.86 12.16
N GLN A 78 -11.62 -11.10 11.61
CA GLN A 78 -11.96 -9.83 10.97
C GLN A 78 -12.77 -10.04 9.70
N ILE A 79 -12.40 -11.05 8.93
CA ILE A 79 -13.08 -11.36 7.68
C ILE A 79 -14.55 -11.74 7.91
N LYS A 80 -14.76 -12.64 8.85
CA LYS A 80 -16.11 -13.05 9.21
C LYS A 80 -16.87 -11.89 9.84
N TYR A 81 -16.17 -11.04 10.57
CA TYR A 81 -16.80 -9.88 11.21
C TYR A 81 -17.26 -8.87 10.16
N ASN A 82 -16.63 -8.88 9.00
CA ASN A 82 -16.90 -7.88 7.98
C ASN A 82 -17.80 -8.36 6.84
N VAL A 83 -18.05 -9.67 6.79
CA VAL A 83 -18.98 -10.19 5.78
C VAL A 83 -20.42 -9.93 6.25
N LYS A 84 -20.65 -10.06 7.54
CA LYS A 84 -21.90 -9.62 8.15
C LYS A 84 -21.69 -8.19 8.67
N SER A 85 -22.41 -7.25 8.09
CA SER A 85 -22.23 -5.81 8.35
C SER A 85 -20.86 -5.33 7.83
N ARG A 86 -20.76 -4.02 7.57
CA ARG A 86 -19.56 -3.42 6.98
C ARG A 86 -19.31 -3.94 5.55
N LEU A 87 -20.07 -4.96 5.15
CA LEU A 87 -19.98 -5.59 3.84
C LEU A 87 -19.88 -4.57 2.71
N SER A 88 -20.63 -3.48 2.83
CA SER A 88 -20.61 -2.43 1.82
C SER A 88 -19.69 -1.28 2.24
N ASP A 89 -19.28 -1.28 3.49
CA ASP A 89 -18.39 -0.24 4.01
C ASP A 89 -16.94 -0.59 3.77
N VAL A 90 -16.69 -1.87 3.50
CA VAL A 90 -15.37 -2.33 3.08
C VAL A 90 -15.06 -1.73 1.71
N SER A 91 -13.85 -1.24 1.53
CA SER A 91 -13.46 -0.66 0.26
C SER A 91 -13.16 -1.75 -0.77
N SER A 92 -13.20 -1.39 -2.04
CA SER A 92 -12.90 -2.33 -3.12
C SER A 92 -11.54 -2.98 -2.93
N GLY A 93 -10.51 -2.16 -2.78
CA GLY A 93 -9.16 -2.65 -2.59
C GLY A 93 -9.03 -3.54 -1.36
N GLU A 94 -9.67 -3.13 -0.27
CA GLU A 94 -9.65 -3.91 0.97
C GLU A 94 -10.19 -5.31 0.74
N LEU A 95 -11.29 -5.39 -0.02
CA LEU A 95 -11.88 -6.68 -0.36
C LEU A 95 -10.93 -7.46 -1.26
N ALA A 96 -10.30 -6.78 -2.20
CA ALA A 96 -9.32 -7.40 -3.08
C ALA A 96 -8.20 -8.03 -2.26
N LEU A 97 -7.74 -7.30 -1.25
CA LEU A 97 -6.70 -7.80 -0.36
C LEU A 97 -7.15 -9.04 0.38
N ILE A 98 -8.37 -8.99 0.91
CA ILE A 98 -8.95 -10.13 1.61
C ILE A 98 -8.94 -11.35 0.70
N ILE A 99 -9.42 -11.15 -0.52
CA ILE A 99 -9.48 -12.23 -1.50
C ILE A 99 -8.10 -12.82 -1.78
N LEU A 100 -7.09 -11.96 -1.88
CA LEU A 100 -5.72 -12.40 -2.13
C LEU A 100 -5.15 -13.19 -0.96
N ALA A 101 -5.36 -12.70 0.25
CA ALA A 101 -4.84 -13.35 1.45
C ALA A 101 -5.45 -14.74 1.66
N LEU A 102 -6.70 -14.91 1.25
CA LEU A 102 -7.37 -16.19 1.40
C LEU A 102 -7.00 -17.16 0.30
N GLY A 103 -6.48 -16.63 -0.81
CA GLY A 103 -6.23 -17.45 -1.98
C GLY A 103 -4.81 -17.46 -2.49
N VAL A 104 -3.84 -17.21 -1.61
CA VAL A 104 -2.43 -17.27 -2.00
C VAL A 104 -2.09 -18.66 -2.52
N CYS A 105 -2.48 -19.67 -1.75
CA CYS A 105 -2.38 -21.05 -2.18
C CYS A 105 -3.72 -21.72 -1.88
N ARG A 106 -3.83 -23.01 -2.18
CA ARG A 106 -5.09 -23.71 -1.95
C ARG A 106 -5.15 -24.41 -0.61
N ASN A 107 -6.01 -23.90 0.27
CA ASN A 107 -6.36 -24.58 1.51
C ASN A 107 -7.84 -24.43 1.77
N ALA A 108 -8.31 -24.96 2.89
CA ALA A 108 -9.73 -24.92 3.22
C ALA A 108 -10.28 -23.50 3.31
N GLU A 109 -9.46 -22.57 3.78
CA GLU A 109 -9.91 -21.19 4.00
C GLU A 109 -10.18 -20.48 2.68
N GLU A 110 -9.59 -20.99 1.61
CA GLU A 110 -9.80 -20.46 0.28
C GLU A 110 -11.27 -20.56 -0.11
N ASN A 111 -11.96 -21.58 0.42
CA ASN A 111 -13.38 -21.76 0.18
C ASN A 111 -14.20 -20.52 0.51
N LEU A 112 -13.70 -19.72 1.45
CA LEU A 112 -14.38 -18.50 1.85
C LEU A 112 -14.55 -17.52 0.70
N ILE A 113 -13.64 -17.60 -0.27
CA ILE A 113 -13.74 -16.79 -1.48
C ILE A 113 -15.02 -17.15 -2.22
N TYR A 114 -15.26 -18.45 -2.37
CA TYR A 114 -16.37 -18.93 -3.17
C TYR A 114 -17.61 -19.20 -2.33
N ASP A 115 -17.47 -19.11 -1.01
CA ASP A 115 -18.62 -19.25 -0.11
C ASP A 115 -19.37 -17.93 0.02
N TYR A 116 -18.62 -16.85 0.21
CA TYR A 116 -19.21 -15.54 0.43
C TYR A 116 -19.29 -14.71 -0.86
N HIS A 117 -19.14 -15.38 -2.00
CA HIS A 117 -19.23 -14.76 -3.31
C HIS A 117 -18.34 -13.53 -3.44
N LEU A 118 -17.23 -13.54 -2.71
CA LEU A 118 -16.34 -12.38 -2.61
C LEU A 118 -15.93 -11.81 -3.95
N ILE A 119 -15.73 -12.69 -4.93
CA ILE A 119 -15.36 -12.25 -6.27
C ILE A 119 -16.49 -11.45 -6.89
N ASP A 120 -17.71 -11.96 -6.78
CA ASP A 120 -18.88 -11.24 -7.25
C ASP A 120 -19.04 -9.93 -6.50
N LYS A 121 -18.70 -9.96 -5.22
CA LYS A 121 -18.74 -8.76 -4.38
C LYS A 121 -17.69 -7.76 -4.86
N LEU A 122 -16.52 -8.26 -5.25
CA LEU A 122 -15.44 -7.39 -5.72
C LEU A 122 -15.81 -6.76 -7.06
N GLU A 123 -16.45 -7.55 -7.91
CA GLU A 123 -16.90 -7.06 -9.21
C GLU A 123 -17.85 -5.87 -9.04
N ASN A 124 -18.69 -5.94 -8.02
CA ASN A 124 -19.62 -4.86 -7.74
C ASN A 124 -18.89 -3.64 -7.19
N LYS A 125 -18.02 -3.87 -6.22
CA LYS A 125 -17.27 -2.80 -5.61
C LYS A 125 -16.35 -2.13 -6.62
N PHE A 126 -15.78 -2.94 -7.50
CA PHE A 126 -14.91 -2.43 -8.55
C PHE A 126 -15.72 -1.58 -9.53
N GLN A 127 -16.91 -2.08 -9.88
CA GLN A 127 -17.79 -1.34 -10.78
C GLN A 127 -18.22 -0.02 -10.14
N ALA A 128 -18.41 -0.04 -8.83
CA ALA A 128 -18.76 1.16 -8.09
C ALA A 128 -17.67 2.22 -8.26
N GLU A 129 -16.42 1.78 -8.26
CA GLU A 129 -15.30 2.66 -8.48
C GLU A 129 -15.42 3.30 -9.85
N ILE A 130 -15.79 2.47 -10.84
CA ILE A 130 -15.95 2.92 -12.21
C ILE A 130 -17.08 3.94 -12.33
N GLU A 131 -18.21 3.63 -11.71
CA GLU A 131 -19.36 4.52 -11.74
C GLU A 131 -19.01 5.92 -11.25
N ASN A 132 -18.26 5.99 -10.16
CA ASN A 132 -17.89 7.29 -9.59
C ASN A 132 -16.98 8.09 -10.50
N MET A 133 -16.14 7.39 -11.26
CA MET A 133 -15.22 8.05 -12.19
C MET A 133 -15.99 8.75 -13.31
N GLU A 134 -17.20 8.27 -13.58
CA GLU A 134 -18.04 8.87 -14.59
C GLU A 134 -18.98 9.88 -13.94
N ALA A 135 -19.48 9.54 -12.77
CA ALA A 135 -20.33 10.44 -12.01
C ALA A 135 -19.55 11.67 -11.56
N HIS A 136 -18.23 11.54 -11.53
CA HIS A 136 -17.36 12.65 -11.18
C HIS A 136 -16.28 12.83 -12.24
N ASN A 137 -15.29 13.67 -11.97
CA ASN A 137 -14.39 14.12 -13.03
C ASN A 137 -13.36 13.10 -13.51
N GLY A 138 -13.41 11.90 -12.92
CA GLY A 138 -12.47 10.86 -13.27
C GLY A 138 -11.84 10.29 -12.02
N THR A 139 -12.42 10.62 -10.88
CA THR A 139 -11.95 10.15 -9.59
C THR A 139 -12.77 8.97 -9.10
N PRO A 140 -12.11 7.88 -8.72
CA PRO A 140 -12.81 6.71 -8.18
C PRO A 140 -13.25 6.97 -6.75
N LEU A 141 -13.89 5.98 -6.14
CA LEU A 141 -14.27 6.08 -4.74
C LEU A 141 -13.03 6.11 -3.88
N THR A 142 -11.99 5.41 -4.33
CA THR A 142 -10.73 5.34 -3.59
C THR A 142 -9.57 5.92 -4.39
N ASN A 143 -8.82 5.04 -5.04
CA ASN A 143 -7.63 5.43 -5.77
C ASN A 143 -7.17 4.33 -6.71
N TYR A 144 -6.29 4.67 -7.65
CA TYR A 144 -5.81 3.70 -8.63
C TYR A 144 -4.99 2.57 -8.00
N TYR A 145 -4.38 2.84 -6.86
CA TYR A 145 -3.68 1.80 -6.12
C TYR A 145 -4.63 0.67 -5.78
N GLN A 146 -5.78 1.03 -5.21
CA GLN A 146 -6.80 0.04 -4.88
C GLN A 146 -7.41 -0.53 -6.15
N LEU A 147 -7.61 0.34 -7.13
CA LEU A 147 -8.19 -0.07 -8.40
C LEU A 147 -7.34 -1.17 -9.01
N SER A 148 -6.02 -0.97 -8.97
CA SER A 148 -5.06 -1.95 -9.46
C SER A 148 -5.20 -3.25 -8.68
N LEU A 149 -5.30 -3.13 -7.36
CA LEU A 149 -5.52 -4.30 -6.49
C LEU A 149 -6.77 -5.05 -6.93
N ASP A 150 -7.83 -4.31 -7.24
CA ASP A 150 -9.08 -4.90 -7.68
C ASP A 150 -8.89 -5.71 -8.94
N VAL A 151 -8.35 -5.08 -9.98
CA VAL A 151 -8.11 -5.74 -11.25
C VAL A 151 -7.22 -6.96 -11.08
N LEU A 152 -6.18 -6.82 -10.27
CA LEU A 152 -5.25 -7.92 -10.03
C LEU A 152 -5.96 -9.12 -9.41
N ALA A 153 -6.78 -8.86 -8.39
CA ALA A 153 -7.52 -9.91 -7.71
C ALA A 153 -8.52 -10.58 -8.66
N LEU A 154 -9.32 -9.77 -9.35
CA LEU A 154 -10.26 -10.28 -10.33
C LEU A 154 -9.54 -11.11 -11.40
N CYS A 155 -8.36 -10.65 -11.79
CA CYS A 155 -7.58 -11.33 -12.82
C CYS A 155 -7.07 -12.70 -12.35
N LEU A 156 -6.48 -12.72 -11.17
CA LEU A 156 -5.91 -13.96 -10.63
C LEU A 156 -6.99 -15.01 -10.35
N PHE A 157 -8.19 -14.56 -10.02
CA PHE A 157 -9.25 -15.46 -9.62
C PHE A 157 -10.40 -15.54 -10.62
N ASN A 158 -10.07 -15.35 -11.89
CA ASN A 158 -11.04 -15.50 -12.99
C ASN A 158 -12.33 -14.71 -12.81
N GLY A 159 -12.24 -13.56 -12.15
CA GLY A 159 -13.40 -12.71 -11.95
C GLY A 159 -13.85 -12.08 -13.25
N ASN A 160 -15.09 -11.62 -13.28
CA ASN A 160 -15.64 -10.97 -14.47
C ASN A 160 -15.28 -9.49 -14.51
N TYR A 161 -14.30 -9.16 -15.36
CA TYR A 161 -13.90 -7.77 -15.53
C TYR A 161 -13.70 -7.45 -17.00
N SER A 162 -13.89 -6.17 -17.34
CA SER A 162 -13.77 -5.75 -18.74
C SER A 162 -12.35 -5.33 -19.05
N THR A 163 -11.67 -6.16 -19.82
CA THR A 163 -10.32 -5.86 -20.30
C THR A 163 -10.33 -4.56 -21.10
N ALA A 164 -11.45 -4.25 -21.73
CA ALA A 164 -11.60 -3.01 -22.48
C ALA A 164 -11.61 -1.82 -21.54
N GLU A 165 -12.28 -1.97 -20.41
CA GLU A 165 -12.39 -0.89 -19.44
C GLU A 165 -11.03 -0.69 -18.77
N VAL A 166 -10.25 -1.75 -18.71
CA VAL A 166 -8.89 -1.68 -18.18
C VAL A 166 -8.03 -0.77 -19.04
N VAL A 167 -8.02 -1.04 -20.34
CA VAL A 167 -7.25 -0.25 -21.29
C VAL A 167 -7.70 1.22 -21.27
N ASN A 168 -8.99 1.43 -21.05
CA ASN A 168 -9.55 2.78 -21.03
C ASN A 168 -9.00 3.63 -19.88
N HIS A 169 -8.92 3.05 -18.68
CA HIS A 169 -8.65 3.84 -17.48
C HIS A 169 -7.21 3.77 -16.95
N PHE A 170 -6.35 2.95 -17.55
CA PHE A 170 -5.03 2.70 -16.99
C PHE A 170 -3.86 3.34 -17.73
N THR A 171 -4.16 4.22 -18.68
CA THR A 171 -3.12 4.93 -19.44
C THR A 171 -2.16 5.64 -18.48
N PRO A 172 -0.86 5.49 -18.71
CA PRO A 172 0.21 6.03 -17.86
C PRO A 172 0.09 7.54 -17.60
N GLU A 173 -0.53 8.27 -18.51
CA GLU A 173 -0.66 9.71 -18.34
C GLU A 173 -1.96 10.10 -17.63
N ASN A 174 -2.66 9.11 -17.09
CA ASN A 174 -3.86 9.35 -16.31
C ASN A 174 -3.53 10.15 -15.06
N LYS A 175 -4.43 11.05 -14.66
CA LYS A 175 -4.17 11.93 -13.54
C LYS A 175 -4.03 11.17 -12.22
N ASN A 176 -4.67 10.01 -12.14
CA ASN A 176 -4.71 9.27 -10.88
C ASN A 176 -3.44 8.52 -10.55
N TYR A 177 -2.42 8.65 -11.38
CA TYR A 177 -1.12 8.06 -11.11
C TYR A 177 -0.25 9.04 -10.36
N TYR A 178 -0.69 10.30 -10.31
CA TYR A 178 0.14 11.37 -9.77
C TYR A 178 -0.53 12.10 -8.61
N PHE A 179 0.29 12.58 -7.69
CA PHE A 179 -0.18 13.39 -6.57
C PHE A 179 0.54 14.74 -6.59
N GLY A 180 -0.06 15.71 -7.26
CA GLY A 180 0.59 16.98 -7.49
C GLY A 180 1.55 16.84 -8.67
N SER A 181 2.84 16.81 -8.37
CA SER A 181 3.86 16.59 -9.40
C SER A 181 4.47 15.21 -9.19
N GLN A 182 4.37 14.72 -7.96
CA GLN A 182 4.90 13.40 -7.61
C GLN A 182 4.11 12.27 -8.26
N PHE A 183 4.84 11.37 -8.92
CA PHE A 183 4.25 10.16 -9.48
C PHE A 183 4.23 9.06 -8.42
N SER A 184 3.04 8.61 -8.05
CA SER A 184 2.90 7.60 -7.00
C SER A 184 3.52 6.26 -7.41
N VAL A 185 4.74 6.02 -6.94
CA VAL A 185 5.45 4.78 -7.21
C VAL A 185 4.63 3.58 -6.78
N ASP A 186 4.03 3.67 -5.59
CA ASP A 186 3.19 2.62 -5.07
C ASP A 186 2.10 2.28 -6.08
N THR A 187 1.41 3.31 -6.56
CA THR A 187 0.34 3.14 -7.53
C THR A 187 0.83 2.49 -8.84
N GLY A 188 1.87 3.06 -9.42
CA GLY A 188 2.43 2.54 -10.65
C GLY A 188 2.87 1.09 -10.52
N ALA A 189 3.49 0.77 -9.39
CA ALA A 189 3.99 -0.57 -9.17
C ALA A 189 2.84 -1.57 -9.14
N MET A 190 1.80 -1.25 -8.38
CA MET A 190 0.64 -2.11 -8.27
C MET A 190 -0.08 -2.21 -9.60
N ALA A 191 -0.13 -1.09 -10.32
CA ALA A 191 -0.70 -1.06 -11.66
C ALA A 191 0.03 -2.05 -12.55
N VAL A 192 1.36 -1.97 -12.54
CA VAL A 192 2.19 -2.87 -13.34
C VAL A 192 1.88 -4.34 -13.05
N LEU A 193 1.77 -4.68 -11.77
CA LEU A 193 1.49 -6.06 -11.36
C LEU A 193 0.16 -6.52 -11.95
N ALA A 194 -0.87 -5.70 -11.77
CA ALA A 194 -2.21 -6.00 -12.28
C ALA A 194 -2.18 -6.14 -13.80
N LEU A 195 -1.67 -5.12 -14.48
CA LEU A 195 -1.60 -5.11 -15.94
C LEU A 195 -0.87 -6.34 -16.48
N THR A 196 0.17 -6.77 -15.76
CA THR A 196 0.94 -7.92 -16.17
C THR A 196 0.09 -9.18 -16.06
N CYS A 197 -0.74 -9.24 -15.01
CA CYS A 197 -1.62 -10.38 -14.80
C CYS A 197 -2.59 -10.53 -15.96
N VAL A 198 -3.18 -9.41 -16.36
CA VAL A 198 -4.06 -9.41 -17.52
C VAL A 198 -3.29 -9.86 -18.76
N LYS A 199 -2.06 -9.36 -18.88
CA LYS A 199 -1.17 -9.69 -19.98
C LYS A 199 -0.96 -11.21 -20.06
N LYS A 200 -0.87 -11.86 -18.92
CA LYS A 200 -0.71 -13.32 -18.87
C LYS A 200 -2.04 -14.00 -19.12
N SER A 201 -3.11 -13.43 -18.55
CA SER A 201 -4.44 -13.98 -18.67
C SER A 201 -4.93 -13.90 -20.12
N LEU A 202 -4.28 -13.04 -20.91
CA LEU A 202 -4.63 -12.87 -22.31
C LEU A 202 -3.91 -13.89 -23.18
N ILE A 203 -2.63 -14.07 -22.90
CA ILE A 203 -1.80 -15.02 -23.64
C ILE A 203 -2.33 -16.43 -23.43
N ASN A 204 -2.57 -16.78 -22.17
CA ASN A 204 -3.34 -17.98 -21.88
C ASN A 204 -4.77 -17.69 -22.30
N GLY A 205 -5.53 -18.73 -22.62
CA GLY A 205 -6.91 -18.54 -23.02
C GLY A 205 -7.81 -18.27 -21.83
N GLN A 206 -7.22 -17.73 -20.76
CA GLN A 206 -7.92 -17.56 -19.50
C GLN A 206 -8.98 -16.47 -19.56
N ILE A 207 -8.85 -15.56 -20.52
CA ILE A 207 -9.87 -14.55 -20.77
C ILE A 207 -9.79 -13.98 -22.19
N LYS A 208 -10.91 -13.47 -22.68
CA LYS A 208 -10.99 -12.95 -24.04
C LYS A 208 -10.81 -11.44 -24.06
N ALA A 209 -10.25 -10.92 -25.15
CA ALA A 209 -9.99 -9.49 -25.26
C ALA A 209 -9.99 -9.01 -26.70
N ASP A 210 -10.42 -7.76 -26.90
CA ASP A 210 -10.41 -7.11 -28.20
C ASP A 210 -8.97 -7.05 -28.72
N GLU A 211 -8.71 -7.72 -29.84
CA GLU A 211 -7.35 -7.87 -30.37
C GLU A 211 -6.61 -6.55 -30.57
N GLY A 212 -5.40 -6.49 -30.04
CA GLY A 212 -4.60 -5.28 -30.07
C GLY A 212 -4.42 -4.75 -28.67
N SER A 213 -5.23 -5.26 -27.75
CA SER A 213 -5.20 -4.82 -26.36
C SER A 213 -3.88 -5.17 -25.68
N LEU A 214 -3.39 -6.37 -25.97
CA LEU A 214 -2.14 -6.84 -25.40
C LEU A 214 -1.01 -5.84 -25.67
N LYS A 215 -0.98 -5.33 -26.89
CA LYS A 215 0.00 -4.33 -27.28
C LYS A 215 -0.15 -3.09 -26.43
N ASN A 216 -1.36 -2.55 -26.38
CA ASN A 216 -1.63 -1.35 -25.61
C ASN A 216 -1.30 -1.51 -24.12
N ILE A 217 -1.59 -2.67 -23.57
CA ILE A 217 -1.25 -2.96 -22.17
C ILE A 217 0.26 -2.99 -21.97
N SER A 218 0.96 -3.71 -22.84
CA SER A 218 2.41 -3.79 -22.79
C SER A 218 3.01 -2.41 -22.83
N ILE A 219 2.48 -1.56 -23.71
CA ILE A 219 2.94 -0.18 -23.84
C ILE A 219 2.71 0.60 -22.55
N TYR A 220 1.54 0.43 -21.95
CA TYR A 220 1.25 1.01 -20.64
C TYR A 220 2.30 0.55 -19.64
N THR A 221 2.52 -0.76 -19.60
CA THR A 221 3.47 -1.34 -18.66
C THR A 221 4.87 -0.78 -18.89
N LYS A 222 5.27 -0.71 -20.16
CA LYS A 222 6.57 -0.19 -20.53
C LYS A 222 6.74 1.22 -19.99
N SER A 223 5.70 2.02 -20.14
CA SER A 223 5.74 3.42 -19.74
C SER A 223 5.80 3.55 -18.22
N LEU A 224 4.99 2.76 -17.53
CA LEU A 224 4.96 2.81 -16.07
C LEU A 224 6.29 2.42 -15.44
N VAL A 225 6.95 1.42 -16.03
CA VAL A 225 8.24 0.97 -15.55
C VAL A 225 9.30 2.07 -15.63
N GLU A 226 9.34 2.74 -16.77
CA GLU A 226 10.25 3.85 -16.98
C GLU A 226 10.00 4.96 -15.95
N LYS A 227 8.73 5.20 -15.66
CA LYS A 227 8.36 6.19 -14.64
C LYS A 227 8.80 5.74 -13.26
N ILE A 228 8.58 4.47 -12.95
CA ILE A 228 9.01 3.89 -11.69
C ILE A 228 10.53 4.05 -11.52
N LEU A 229 11.28 3.64 -12.53
CA LEU A 229 12.73 3.73 -12.49
C LEU A 229 13.23 5.17 -12.43
N SER A 230 12.43 6.10 -12.96
CA SER A 230 12.77 7.51 -12.90
C SER A 230 12.79 8.02 -11.47
N GLU A 231 12.06 7.34 -10.60
CA GLU A 231 11.96 7.74 -9.20
C GLU A 231 12.91 6.95 -8.31
N LYS A 232 13.94 6.36 -8.92
CA LYS A 232 14.93 5.59 -8.18
C LYS A 232 15.98 6.52 -7.57
N LYS A 233 16.12 6.44 -6.24
CA LYS A 233 17.09 7.26 -5.52
C LYS A 233 18.51 6.69 -5.68
N GLU A 234 19.51 7.53 -5.43
CA GLU A 234 20.90 7.13 -5.66
C GLU A 234 21.36 6.02 -4.72
N ASN A 235 20.68 5.87 -3.59
CA ASN A 235 21.03 4.81 -2.65
C ASN A 235 20.34 3.49 -2.98
N GLY A 236 19.54 3.47 -4.04
CA GLY A 236 18.90 2.26 -4.48
C GLY A 236 17.42 2.19 -4.17
N LEU A 237 16.92 3.13 -3.39
CA LEU A 237 15.49 3.18 -3.07
C LEU A 237 14.70 3.60 -4.30
N ILE A 238 13.49 3.08 -4.43
CA ILE A 238 12.63 3.42 -5.55
C ILE A 238 11.38 4.13 -5.02
N GLY A 239 11.26 5.42 -5.34
CA GLY A 239 10.29 6.26 -4.67
C GLY A 239 10.84 6.62 -3.31
N ASN A 240 10.25 6.06 -2.27
CA ASN A 240 10.84 6.14 -0.94
C ASN A 240 10.94 4.75 -0.33
N THR A 241 11.29 4.70 0.95
CA THR A 241 11.44 3.44 1.66
C THR A 241 10.22 2.54 1.54
N PHE A 242 9.04 3.15 1.65
CA PHE A 242 7.80 2.38 1.76
C PHE A 242 7.12 2.14 0.42
N SER A 243 7.77 2.57 -0.65
CA SER A 243 7.28 2.27 -2.00
C SER A 243 8.25 1.31 -2.67
N THR A 244 9.45 1.22 -2.11
CA THR A 244 10.50 0.35 -2.64
C THR A 244 10.06 -1.11 -2.70
N GLY A 245 9.43 -1.58 -1.62
CA GLY A 245 9.06 -2.97 -1.48
C GLY A 245 8.23 -3.54 -2.62
N GLU A 246 7.26 -2.78 -3.10
CA GLU A 246 6.38 -3.28 -4.17
C GLU A 246 6.86 -2.80 -5.53
N ALA A 247 7.71 -1.77 -5.54
CA ALA A 247 8.38 -1.34 -6.76
C ALA A 247 9.32 -2.45 -7.22
N MET A 248 9.93 -3.13 -6.26
CA MET A 248 10.80 -4.25 -6.57
C MET A 248 10.03 -5.37 -7.26
N GLN A 249 8.84 -5.65 -6.75
CA GLN A 249 7.98 -6.68 -7.32
C GLN A 249 7.64 -6.33 -8.76
N ALA A 250 7.21 -5.10 -8.99
CA ALA A 250 6.86 -4.63 -10.32
C ALA A 250 8.02 -4.80 -11.29
N LEU A 251 9.24 -4.55 -10.81
CA LEU A 251 10.41 -4.64 -11.64
C LEU A 251 10.88 -6.07 -11.86
N PHE A 252 10.50 -6.96 -10.95
CA PHE A 252 10.81 -8.38 -11.10
C PHE A 252 10.13 -8.91 -12.34
N VAL A 253 8.85 -8.57 -12.50
CA VAL A 253 8.01 -9.16 -13.52
C VAL A 253 8.03 -8.40 -14.84
N SER A 254 8.89 -7.40 -14.93
CA SER A 254 8.91 -6.57 -16.14
C SER A 254 10.32 -6.35 -16.68
N SER A 255 11.11 -7.42 -16.70
CA SER A 255 12.47 -7.38 -17.23
C SER A 255 12.44 -7.05 -18.72
N ASP A 256 11.30 -7.29 -19.34
CA ASP A 256 11.06 -6.98 -20.74
C ASP A 256 11.36 -5.53 -21.09
N TYR A 257 11.19 -4.64 -20.10
CA TYR A 257 11.21 -3.21 -20.38
C TYR A 257 12.40 -2.46 -19.76
N TYR A 258 13.42 -3.18 -19.34
CA TYR A 258 14.65 -2.53 -18.86
C TYR A 258 15.89 -3.42 -18.95
N ASN A 259 17.06 -2.78 -19.00
CA ASN A 259 18.33 -3.48 -19.04
C ASN A 259 18.90 -3.63 -17.64
N GLU A 260 19.85 -4.53 -17.47
CA GLU A 260 20.41 -4.80 -16.15
C GLU A 260 21.24 -3.64 -15.62
N ASN A 261 21.48 -2.65 -16.47
CA ASN A 261 22.22 -1.45 -16.06
C ASN A 261 21.31 -0.33 -15.58
N ASP A 262 20.02 -0.46 -15.86
CA ASP A 262 19.04 0.53 -15.45
C ASP A 262 18.62 0.33 -13.99
N TRP A 263 19.09 -0.77 -13.39
CA TRP A 263 18.74 -1.07 -12.01
C TRP A 263 19.66 -2.10 -11.39
N ASN A 264 20.33 -1.74 -10.30
CA ASN A 264 21.06 -2.72 -9.52
C ASN A 264 20.22 -3.18 -8.33
N CYS A 265 19.53 -4.29 -8.52
CA CYS A 265 18.63 -4.84 -7.51
C CYS A 265 19.35 -5.15 -6.19
N GLN A 266 20.57 -5.65 -6.28
CA GLN A 266 21.32 -6.01 -5.07
C GLN A 266 21.57 -4.78 -4.19
N GLN A 267 21.82 -3.63 -4.81
CA GLN A 267 22.01 -2.39 -4.07
C GLN A 267 20.75 -2.03 -3.30
N THR A 268 19.62 -2.04 -4.01
CA THR A 268 18.32 -1.78 -3.42
C THR A 268 18.12 -2.69 -2.23
N LEU A 269 18.33 -3.99 -2.45
CA LEU A 269 18.16 -5.00 -1.42
C LEU A 269 19.04 -4.71 -0.21
N ASN A 270 20.26 -4.23 -0.47
CA ASN A 270 21.18 -3.88 0.60
C ASN A 270 20.65 -2.71 1.43
N THR A 271 20.27 -1.65 0.75
CA THR A 271 19.75 -0.45 1.40
C THR A 271 18.55 -0.78 2.29
N VAL A 272 17.62 -1.55 1.73
CA VAL A 272 16.44 -1.97 2.48
C VAL A 272 16.81 -2.74 3.75
N LEU A 273 17.71 -3.71 3.59
CA LEU A 273 18.20 -4.49 4.72
C LEU A 273 18.82 -3.61 5.80
N THR A 274 19.49 -2.54 5.37
CA THR A 274 20.07 -1.57 6.29
C THR A 274 18.96 -0.90 7.09
N GLU A 275 17.93 -0.42 6.40
CA GLU A 275 16.84 0.30 7.05
C GLU A 275 16.09 -0.58 8.04
N ILE A 276 15.90 -1.85 7.68
CA ILE A 276 15.24 -2.81 8.55
C ILE A 276 15.93 -2.88 9.90
N SER A 277 17.26 -2.99 9.87
CA SER A 277 18.05 -3.05 11.09
C SER A 277 17.92 -1.75 11.88
N GLN A 278 17.66 -0.66 11.17
CA GLN A 278 17.44 0.64 11.79
C GLN A 278 15.99 0.78 12.26
N GLY A 279 15.24 -0.32 12.21
CA GLY A 279 13.87 -0.36 12.71
C GLY A 279 12.89 0.44 11.87
N ALA A 280 13.23 0.65 10.59
CA ALA A 280 12.41 1.47 9.71
C ALA A 280 11.02 0.88 9.47
N PHE A 281 10.89 -0.42 9.67
CA PHE A 281 9.62 -1.10 9.41
C PHE A 281 8.92 -1.54 10.69
N SER A 282 8.88 -0.65 11.67
CA SER A 282 8.15 -0.93 12.90
C SER A 282 6.66 -1.01 12.59
N ASN A 283 6.26 -0.40 11.49
CA ASN A 283 4.86 -0.43 11.05
C ASN A 283 4.54 -1.75 10.38
N PRO A 284 3.63 -2.54 11.00
CA PRO A 284 3.24 -3.87 10.51
C PRO A 284 2.75 -3.87 9.07
N ASN A 285 2.20 -2.76 8.60
CA ASN A 285 1.80 -2.65 7.20
C ASN A 285 3.02 -2.39 6.32
N ALA A 286 3.93 -1.57 6.81
CA ALA A 286 5.18 -1.29 6.09
C ALA A 286 6.02 -2.56 6.01
N ALA A 287 6.02 -3.32 7.10
CA ALA A 287 6.73 -4.60 7.15
C ALA A 287 6.12 -5.56 6.13
N ALA A 288 4.81 -5.75 6.21
CA ALA A 288 4.10 -6.69 5.35
C ALA A 288 4.34 -6.43 3.86
N GLN A 289 4.31 -5.17 3.47
CA GLN A 289 4.44 -4.81 2.06
C GLN A 289 5.85 -5.01 1.50
N VAL A 290 6.84 -5.11 2.38
CA VAL A 290 8.22 -5.25 1.93
C VAL A 290 8.70 -6.69 1.97
N LEU A 291 8.02 -7.52 2.73
CA LEU A 291 8.42 -8.92 2.93
C LEU A 291 8.54 -9.76 1.64
N PRO A 292 7.51 -9.76 0.77
CA PRO A 292 7.58 -10.66 -0.39
C PRO A 292 8.76 -10.43 -1.32
N ALA A 293 9.04 -9.18 -1.68
CA ALA A 293 10.12 -8.88 -2.61
C ALA A 293 11.48 -9.27 -2.06
N LEU A 294 11.66 -9.08 -0.76
CA LEU A 294 12.92 -9.43 -0.11
C LEU A 294 13.23 -10.91 -0.20
N MET A 295 12.20 -11.71 -0.48
CA MET A 295 12.38 -13.14 -0.64
C MET A 295 12.13 -13.57 -2.09
N GLY A 296 12.19 -12.61 -3.00
CA GLY A 296 12.07 -12.89 -4.42
C GLY A 296 10.67 -13.26 -4.86
N LYS A 297 9.69 -12.84 -4.07
CA LYS A 297 8.30 -13.17 -4.37
C LYS A 297 7.52 -11.94 -4.83
N THR A 298 6.47 -12.18 -5.61
CA THR A 298 5.57 -11.11 -6.04
C THR A 298 4.14 -11.59 -5.92
N PHE A 299 3.20 -10.66 -6.03
CA PHE A 299 1.78 -11.00 -5.96
C PHE A 299 1.33 -11.92 -7.09
N LEU A 300 2.15 -12.03 -8.13
CA LEU A 300 1.84 -12.92 -9.23
C LEU A 300 2.23 -14.36 -8.93
N ASP A 301 2.80 -14.58 -7.75
CA ASP A 301 3.16 -15.93 -7.31
C ASP A 301 1.97 -16.59 -6.65
N ILE A 302 0.84 -15.90 -6.67
CA ILE A 302 -0.39 -16.40 -6.09
C ILE A 302 -1.11 -17.35 -7.03
N ASN A 303 -1.19 -18.62 -6.65
CA ASN A 303 -1.89 -19.62 -7.45
C ASN A 303 -2.98 -20.27 -6.63
N LYS A 304 -4.23 -20.04 -7.03
CA LYS A 304 -5.38 -20.53 -6.29
C LYS A 304 -5.53 -22.05 -6.40
N ASP A 305 -4.67 -22.67 -7.20
CA ASP A 305 -4.73 -24.11 -7.39
C ASP A 305 -3.53 -24.81 -6.76
N SER A 306 -3.22 -24.44 -5.52
CA SER A 306 -2.26 -25.12 -4.65
C SER A 306 -0.78 -24.87 -4.96
N SER A 307 -0.04 -24.60 -3.88
CA SER A 307 1.41 -24.44 -3.91
C SER A 307 1.89 -24.32 -2.47
N CYS A 308 0.98 -24.61 -1.54
CA CYS A 308 1.24 -24.47 -0.11
C CYS A 308 2.36 -25.39 0.39
N VAL A 309 3.42 -24.80 0.90
CA VAL A 309 4.48 -25.56 1.56
C VAL A 309 4.27 -25.47 3.07
N SER A 310 3.51 -26.42 3.61
CA SER A 310 3.06 -26.36 5.00
C SER A 310 4.19 -26.55 6.02
N ALA A 311 5.04 -27.54 5.78
CA ALA A 311 6.12 -27.88 6.71
C ALA A 311 7.07 -26.70 6.92
N SER A 312 7.12 -25.79 5.95
CA SER A 312 7.92 -24.58 6.05
C SER A 312 7.47 -23.76 7.25
N GLY A 313 8.43 -23.29 8.04
CA GLY A 313 8.15 -22.54 9.23
C GLY A 313 8.74 -23.21 10.45
N ASN A 314 9.70 -22.55 11.08
CA ASN A 314 10.40 -23.10 12.24
C ASN A 314 11.20 -22.01 12.95
N PHE A 315 10.78 -21.64 14.15
CA PHE A 315 11.24 -20.40 14.77
C PHE A 315 11.74 -20.53 16.21
N ASN A 316 13.02 -20.23 16.40
CA ASN A 316 13.63 -20.12 17.72
C ASN A 316 13.04 -18.93 18.47
N ILE A 317 13.19 -18.93 19.79
CA ILE A 317 12.72 -17.82 20.63
C ILE A 317 13.30 -17.91 22.04
N GLN A 331 14.71 13.19 32.05
CA GLN A 331 13.39 13.44 31.49
C GLN A 331 13.45 14.54 30.44
N SER A 332 13.93 14.18 29.25
CA SER A 332 14.15 15.16 28.18
C SER A 332 12.87 15.71 27.58
N TYR A 333 12.95 16.93 27.05
CA TYR A 333 11.82 17.56 26.36
C TYR A 333 12.29 18.23 25.07
N ILE A 334 11.33 18.49 24.18
CA ILE A 334 11.66 19.03 22.87
C ILE A 334 10.60 20.03 22.40
N SER A 335 10.97 20.94 21.51
CA SER A 335 10.03 21.93 20.99
C SER A 335 10.10 22.03 19.46
N VAL A 336 8.95 22.32 18.84
CA VAL A 336 8.88 22.42 17.38
C VAL A 336 7.90 23.48 16.87
N ASN A 337 8.06 23.84 15.60
CA ASN A 337 7.27 24.86 14.93
C ASN A 337 6.05 24.22 14.24
N TYR A 338 4.91 24.24 14.92
CA TYR A 338 3.71 23.57 14.42
C TYR A 338 2.82 24.48 13.58
N SER A 339 3.00 24.42 12.26
CA SER A 339 2.23 25.25 11.35
C SER A 339 0.99 24.52 10.82
N VAL A 340 -0.08 25.27 10.62
CA VAL A 340 -1.28 24.74 9.97
C VAL A 340 -1.72 25.71 8.87
N ARG A 341 -1.51 25.32 7.62
CA ARG A 341 -1.83 26.19 6.49
C ARG A 341 -3.13 25.80 5.76
N ILE A 342 -3.92 26.82 5.45
CA ILE A 342 -5.07 26.68 4.56
C ILE A 342 -4.85 27.60 3.36
N ASN A 343 -5.12 28.89 3.56
CA ASN A 343 -4.58 29.93 2.69
C ASN A 343 -3.53 30.63 3.53
N GLU A 344 -3.97 31.02 4.73
CA GLU A 344 -3.11 31.62 5.73
C GLU A 344 -2.49 30.51 6.55
N THR A 345 -1.52 30.87 7.40
CA THR A 345 -0.86 29.87 8.23
C THR A 345 -1.02 30.19 9.71
N TYR A 346 -1.51 29.21 10.47
CA TYR A 346 -1.61 29.34 11.92
C TYR A 346 -0.53 28.51 12.57
N PHE A 347 0.50 29.17 13.11
CA PHE A 347 1.63 28.46 13.70
C PHE A 347 1.83 28.76 15.19
N THR A 348 2.33 27.77 15.91
CA THR A 348 2.46 27.83 17.36
C THR A 348 3.70 27.10 17.83
N ASN A 349 4.06 27.31 19.09
CA ASN A 349 5.19 26.68 19.74
C ASN A 349 4.71 25.52 20.59
N VAL A 350 5.13 24.29 20.26
CA VAL A 350 4.67 23.13 21.00
C VAL A 350 5.84 22.40 21.63
N THR A 351 5.71 22.08 22.91
CA THR A 351 6.76 21.37 23.61
C THR A 351 6.23 20.06 24.17
N VAL A 352 6.78 18.96 23.68
CA VAL A 352 6.31 17.64 24.07
C VAL A 352 7.44 16.76 24.59
N LEU A 353 7.08 15.63 25.20
CA LEU A 353 8.05 14.66 25.68
C LEU A 353 8.86 14.08 24.52
N ASN A 354 10.13 13.81 24.78
CA ASN A 354 10.98 13.17 23.79
C ASN A 354 10.32 11.92 23.28
N GLY A 355 10.54 11.60 22.01
CA GLY A 355 9.99 10.38 21.44
C GLY A 355 8.51 10.48 21.09
N SER A 356 7.93 11.67 21.25
CA SER A 356 6.54 11.89 20.87
C SER A 356 6.41 11.89 19.36
N VAL A 357 5.28 11.42 18.85
CA VAL A 357 5.04 11.41 17.42
C VAL A 357 4.27 12.64 16.99
N PHE A 358 4.23 12.87 15.68
CA PHE A 358 3.57 14.02 15.08
C PHE A 358 2.13 14.19 15.57
N LEU A 359 1.42 13.08 15.71
CA LEU A 359 0.02 13.11 16.14
C LEU A 359 -0.12 13.67 17.56
N SER A 360 0.83 13.34 18.42
CA SER A 360 0.81 13.81 19.80
C SER A 360 0.91 15.33 19.83
N VAL A 361 1.77 15.86 18.95
CA VAL A 361 1.92 17.30 18.80
C VAL A 361 0.58 17.94 18.41
N MET A 362 -0.09 17.33 17.44
CA MET A 362 -1.38 17.82 16.97
C MET A 362 -2.41 17.83 18.09
N GLU A 363 -2.34 16.83 18.97
CA GLU A 363 -3.28 16.71 20.08
C GLU A 363 -3.00 17.76 21.15
N LYS A 364 -1.73 18.03 21.40
CA LYS A 364 -1.36 19.04 22.39
C LYS A 364 -1.64 20.45 21.86
N ALA A 365 -1.45 20.62 20.55
CA ALA A 365 -1.70 21.91 19.91
C ALA A 365 -3.19 22.21 19.82
N GLN A 366 -4.00 21.17 19.85
CA GLN A 366 -5.44 21.34 19.80
C GLN A 366 -6.00 21.68 21.18
N LYS A 367 -5.24 21.37 22.22
CA LYS A 367 -5.63 21.74 23.57
C LYS A 367 -5.32 23.21 23.80
N MET A 368 -4.21 23.66 23.22
CA MET A 368 -3.81 25.07 23.31
C MET A 368 -4.85 25.98 22.67
N ASN A 369 -5.47 25.51 21.60
CA ASN A 369 -6.53 26.24 20.91
C ASN A 369 -7.35 25.32 20.00
N ASP A 370 -8.53 24.93 20.45
CA ASP A 370 -9.36 24.00 19.71
C ASP A 370 -9.97 24.60 18.45
N THR A 371 -10.22 25.91 18.47
CA THR A 371 -10.81 26.61 17.35
C THR A 371 -9.87 26.56 16.14
N ILE A 372 -8.57 26.65 16.42
CA ILE A 372 -7.57 26.72 15.36
C ILE A 372 -6.96 25.35 15.05
N PHE A 373 -6.74 24.54 16.08
CA PHE A 373 -5.99 23.30 15.90
C PHE A 373 -6.77 22.02 16.17
N GLY A 374 -8.09 22.13 16.37
CA GLY A 374 -8.92 20.96 16.54
C GLY A 374 -8.98 20.18 15.25
N PHE A 375 -8.88 18.85 15.35
CA PHE A 375 -8.86 18.02 14.15
C PHE A 375 -9.68 16.74 14.25
N THR A 376 -9.74 16.01 13.14
CA THR A 376 -10.48 14.76 13.08
C THR A 376 -9.63 13.67 12.44
N MET A 377 -9.58 12.50 13.08
CA MET A 377 -8.76 11.39 12.59
C MET A 377 -9.57 10.12 12.34
N GLU A 378 -9.02 9.25 11.51
CA GLU A 378 -9.59 7.93 11.27
C GLU A 378 -8.47 6.89 11.35
N GLU A 379 -8.79 5.69 11.84
CA GLU A 379 -7.76 4.70 12.11
C GLU A 379 -7.13 4.12 10.84
N ARG A 380 -7.93 3.99 9.78
CA ARG A 380 -7.46 3.70 8.43
C ARG A 380 -6.34 2.67 8.30
N SER A 381 -6.43 1.59 9.07
CA SER A 381 -5.47 0.48 9.00
C SER A 381 -4.03 0.91 9.25
N TRP A 382 -3.48 1.66 8.31
CA TRP A 382 -2.10 2.13 8.38
C TRP A 382 -1.76 2.93 9.63
N GLY A 383 -2.80 3.46 10.28
CA GLY A 383 -2.62 4.30 11.44
C GLY A 383 -3.43 5.56 11.26
N PRO A 384 -3.48 6.41 12.29
CA PRO A 384 -4.26 7.66 12.29
C PRO A 384 -4.07 8.46 11.01
N TYR A 385 -5.19 8.77 10.36
CA TYR A 385 -5.19 9.55 9.14
C TYR A 385 -5.97 10.84 9.37
N ILE A 386 -5.38 11.98 9.04
CA ILE A 386 -6.00 13.27 9.31
C ILE A 386 -7.01 13.64 8.23
N THR A 387 -8.27 13.70 8.61
CA THR A 387 -9.34 13.96 7.65
C THR A 387 -9.82 15.41 7.70
N CYS A 388 -10.08 15.91 8.90
CA CYS A 388 -10.60 17.26 9.05
C CYS A 388 -9.82 18.09 10.05
N ILE A 389 -9.62 19.36 9.71
CA ILE A 389 -9.09 20.35 10.65
C ILE A 389 -9.90 21.62 10.51
N GLN A 390 -10.34 22.18 11.63
CA GLN A 390 -11.19 23.37 11.66
C GLN A 390 -12.51 23.16 10.90
N GLY A 391 -12.95 21.91 10.82
CA GLY A 391 -14.17 21.58 10.11
C GLY A 391 -13.95 21.45 8.62
N LEU A 392 -12.73 21.72 8.19
CA LEU A 392 -12.36 21.55 6.78
C LEU A 392 -11.91 20.11 6.55
N CYS A 393 -12.80 19.32 5.96
CA CYS A 393 -12.54 17.91 5.74
C CYS A 393 -11.98 17.67 4.36
N ALA A 394 -11.04 16.73 4.27
CA ALA A 394 -10.48 16.34 2.99
C ALA A 394 -11.56 15.73 2.12
N ASN A 395 -11.53 16.01 0.82
CA ASN A 395 -12.52 15.44 -0.08
C ASN A 395 -11.88 14.74 -1.27
N ASN A 396 -12.16 13.44 -1.38
CA ASN A 396 -11.57 12.62 -2.42
C ASN A 396 -11.94 13.12 -3.81
N ASN A 397 -13.23 13.38 -4.01
CA ASN A 397 -13.72 13.85 -5.30
C ASN A 397 -13.19 15.23 -5.64
N ASP A 398 -12.92 16.03 -4.62
CA ASP A 398 -12.38 17.37 -4.81
C ASP A 398 -10.86 17.36 -4.91
N ARG A 399 -10.26 16.18 -4.82
CA ARG A 399 -8.82 16.00 -4.93
C ARG A 399 -8.06 16.78 -3.86
N THR A 400 -8.67 16.91 -2.69
CA THR A 400 -8.08 17.70 -1.60
C THR A 400 -7.80 16.85 -0.37
N TYR A 401 -6.72 17.18 0.32
CA TYR A 401 -6.32 16.42 1.50
C TYR A 401 -5.39 17.25 2.37
N TRP A 402 -5.10 16.74 3.57
CA TRP A 402 -4.13 17.39 4.45
C TRP A 402 -2.77 16.72 4.31
N GLU A 403 -1.76 17.52 3.98
CA GLU A 403 -0.40 17.01 3.80
C GLU A 403 0.45 17.29 5.04
N LEU A 404 1.27 16.32 5.43
CA LEU A 404 2.14 16.48 6.59
C LEU A 404 3.54 16.82 6.14
N LEU A 405 4.10 17.89 6.70
CA LEU A 405 5.41 18.37 6.29
C LEU A 405 6.34 18.64 7.47
N SER A 406 7.63 18.47 7.25
CA SER A 406 8.65 18.83 8.24
C SER A 406 9.63 19.81 7.61
N GLY A 407 9.46 21.09 7.94
CA GLY A 407 10.26 22.12 7.30
C GLY A 407 9.98 22.10 5.81
N GLY A 408 8.71 22.24 5.45
CA GLY A 408 8.31 22.25 4.06
C GLY A 408 8.71 20.99 3.31
N GLU A 409 8.72 19.86 4.01
CA GLU A 409 9.10 18.58 3.40
C GLU A 409 8.12 17.47 3.75
N PRO A 410 7.50 16.86 2.73
CA PRO A 410 6.50 15.79 2.90
C PRO A 410 7.04 14.59 3.65
N LEU A 411 6.37 14.22 4.74
CA LEU A 411 6.78 13.10 5.56
C LEU A 411 6.63 11.78 4.80
N SER A 412 7.41 10.79 5.17
CA SER A 412 7.31 9.47 4.57
C SER A 412 6.56 8.52 5.50
N GLN A 413 6.09 9.05 6.62
CA GLN A 413 5.36 8.27 7.59
C GLN A 413 4.08 9.00 8.02
N GLY A 414 3.11 8.23 8.52
CA GLY A 414 1.87 8.81 9.02
C GLY A 414 2.10 9.59 10.29
N ALA A 415 1.07 10.30 10.73
CA ALA A 415 1.18 11.17 11.91
C ALA A 415 1.44 10.40 13.20
N GLY A 416 0.92 9.17 13.27
CA GLY A 416 1.08 8.35 14.45
C GLY A 416 2.44 7.69 14.53
N SER A 417 3.10 7.54 13.39
CA SER A 417 4.37 6.84 13.31
C SER A 417 5.56 7.79 13.37
N TYR A 418 5.45 8.92 12.67
CA TYR A 418 6.55 9.88 12.55
C TYR A 418 6.96 10.47 13.89
N VAL A 419 8.10 10.01 14.41
CA VAL A 419 8.66 10.57 15.62
C VAL A 419 9.30 11.92 15.32
N VAL A 420 8.87 12.95 16.04
CA VAL A 420 9.36 14.30 15.80
C VAL A 420 10.62 14.59 16.61
N ARG A 421 11.48 15.43 16.07
CA ARG A 421 12.74 15.78 16.72
C ARG A 421 12.72 17.22 17.24
N ASN A 422 13.69 18.01 16.79
CA ASN A 422 13.84 19.38 17.29
C ASN A 422 14.04 20.40 16.18
N GLY A 423 13.49 21.59 16.40
CA GLY A 423 13.67 22.70 15.46
C GLY A 423 12.98 22.47 14.12
N GLU A 424 12.12 21.45 14.06
CA GLU A 424 11.41 21.12 12.84
C GLU A 424 10.19 22.01 12.65
N ASN A 425 9.99 22.47 11.42
CA ASN A 425 8.77 23.18 11.07
C ASN A 425 7.70 22.18 10.65
N LEU A 426 6.97 21.69 11.64
CA LEU A 426 5.94 20.68 11.41
C LEU A 426 4.66 21.30 10.83
N GLU A 427 4.60 21.36 9.51
CA GLU A 427 3.47 22.00 8.84
C GLU A 427 2.39 20.99 8.44
N VAL A 428 1.14 21.36 8.68
CA VAL A 428 0.00 20.60 8.17
C VAL A 428 -0.71 21.45 7.13
N ARG A 429 -0.63 21.05 5.87
CA ARG A 429 -1.03 21.92 4.76
C ARG A 429 -2.19 21.38 3.92
N TRP A 430 -3.18 22.24 3.70
CA TRP A 430 -4.30 21.93 2.81
C TRP A 430 -3.79 21.88 1.37
N SER A 431 -3.99 20.74 0.70
CA SER A 431 -3.34 20.51 -0.58
C SER A 431 -4.23 19.91 -1.67
N LYS A 432 -3.76 19.98 -2.91
CA LYS A 432 -4.49 19.44 -4.07
C LYS A 432 -3.61 18.49 -4.86
N TYR A 433 -4.08 18.06 -6.03
CA TYR A 433 -3.25 17.32 -6.98
C TYR A 433 -3.18 18.10 -8.30
N LEU A 434 -2.05 18.00 -8.99
CA LEU A 434 -1.90 18.65 -10.31
C LEU A 434 -1.96 17.63 -11.45
C1 NAG B . -8.77 30.20 0.54
C2 NAG B . -10.03 29.40 0.85
C3 NAG B . -11.03 29.26 -0.30
C4 NAG B . -10.99 30.46 -1.24
C5 NAG B . -9.56 30.76 -1.62
C6 NAG B . -9.51 31.82 -2.71
C7 NAG B . -9.38 27.04 0.56
C8 NAG B . -7.95 26.77 0.18
N2 NAG B . -9.61 28.10 1.34
O3 NAG B . -12.32 29.16 0.25
O4 NAG B . -11.73 30.18 -2.41
O5 NAG B . -8.89 31.19 -0.47
O6 NAG B . -9.12 33.05 -2.13
O7 NAG B . -10.26 26.28 0.16
C1 NAG C . 9.25 28.07 22.26
C2 NAG C . 10.57 28.68 21.82
C3 NAG C . 11.73 27.80 22.26
C4 NAG C . 11.64 27.52 23.76
C5 NAG C . 10.24 27.07 24.16
C6 NAG C . 10.11 26.98 25.67
C7 NAG C . 11.67 29.41 19.80
C8 NAG C . 11.41 30.23 18.59
N2 NAG C . 10.61 28.88 20.39
O3 NAG C . 12.97 28.45 21.98
O4 NAG C . 12.58 26.49 24.11
O5 NAG C . 9.28 28.01 23.69
O6 NAG C . 8.80 27.41 26.07
O7 NAG C . 12.80 29.23 20.24
C1 NAG D . -7.68 30.61 19.78
C2 NAG D . -8.09 31.42 21.00
C3 NAG D . -8.62 32.80 20.60
C4 NAG D . -7.64 33.50 19.67
C5 NAG D . -7.32 32.58 18.50
C6 NAG D . -6.34 33.24 17.53
C7 NAG D . -10.07 30.00 21.29
C8 NAG D . -10.23 28.62 21.85
N2 NAG D . -9.08 30.74 21.81
O3 NAG D . -8.81 33.58 21.77
O4 NAG D . -8.19 34.70 19.20
O5 NAG D . -6.78 31.35 18.96
O6 NAG D . -5.42 34.03 18.25
O7 NAG D . -10.84 30.42 20.42
C1 NAG E . -4.55 0.49 -28.89
C2 NAG E . -6.05 0.36 -29.13
C3 NAG E . -6.52 1.19 -30.33
C4 NAG E . -5.90 2.57 -30.34
C5 NAG E . -4.40 2.50 -30.10
C6 NAG E . -3.80 3.90 -30.03
C7 NAG E . -7.17 -1.69 -28.51
C8 NAG E . -7.51 -3.10 -28.90
N2 NAG E . -6.38 -1.03 -29.35
O3 NAG E . -7.92 1.30 -30.26
O4 NAG E . -6.13 3.15 -31.61
O5 NAG E . -4.16 1.84 -28.88
O6 NAG E . -4.02 4.44 -28.75
O7 NAG E . -7.59 -1.19 -27.48
C1 NAG F . 17.78 -19.91 20.20
C2 NAG F . 19.15 -20.58 20.21
C3 NAG F . 19.79 -20.55 21.61
C4 NAG F . 19.64 -19.19 22.28
C5 NAG F . 18.21 -18.66 22.17
C6 NAG F . 18.09 -17.25 22.75
C7 NAG F . 18.96 -22.30 18.47
C8 NAG F . 18.92 -23.77 18.17
N2 NAG F . 19.03 -21.95 19.76
O3 NAG F . 21.15 -20.88 21.51
O4 NAG F . 20.00 -19.28 23.64
O5 NAG F . 17.83 -18.64 20.80
O6 NAG F . 18.38 -17.27 24.12
O7 NAG F . 18.92 -21.48 17.56
C1 NAG G . 15.86 12.97 23.14
C2 NAG G . 17.01 13.96 22.98
C3 NAG G . 17.60 13.88 21.57
C4 NAG G . 17.86 12.43 21.15
C5 NAG G . 16.66 11.54 21.46
C6 NAG G . 16.97 10.08 21.17
C7 NAG G . 17.30 16.36 22.94
C8 NAG G . 16.64 17.70 23.11
N2 NAG G . 16.56 15.31 23.25
O3 NAG G . 18.83 14.61 21.54
O4 NAG G . 18.13 12.39 19.75
O5 NAG G . 16.33 11.67 22.83
O6 NAG G . 16.71 9.29 22.34
O7 NAG G . 18.45 16.25 22.54
C1 NAG H . 7.40 28.59 11.88
C2 NAG H . 8.53 29.53 11.45
C3 NAG H . 7.95 30.79 10.82
C4 NAG H . 7.07 30.41 9.65
C5 NAG H . 6.06 29.32 10.02
C6 NAG H . 5.43 28.76 8.74
C7 NAG H . 10.63 29.37 12.67
C8 NAG H . 11.20 29.27 14.05
N2 NAG H . 9.39 29.86 12.58
O3 NAG H . 9.00 31.62 10.38
O4 NAG H . 6.39 31.56 9.19
O5 NAG H . 6.62 28.25 10.75
O6 NAG H . 6.45 28.17 7.95
O7 NAG H . 11.28 29.01 11.69
N59 CBY I . -3.69 1.86 0.32
C57 CBY I . -4.51 2.76 -0.26
O58 CBY I . -5.67 2.54 -0.54
C56 CBY I . -3.89 4.10 -0.58
C55 CBY I . -2.70 3.92 -1.54
C17 CBY I . -1.55 4.97 -1.32
C54 CBY I . -0.96 5.30 -2.71
C18 CBY I . -0.47 4.40 -0.34
C19 CBY I . 0.19 5.73 0.11
C60 CBY I . 0.57 3.34 -0.82
C61 CBY I . 0.56 1.98 -0.19
N62 CBY I . -0.60 1.63 0.28
O63 CBY I . 1.54 1.22 -0.07
C16 CBY I . -1.94 6.31 -0.67
N24 CBY I . -0.94 6.69 0.11
C15 CBY I . -2.89 7.30 -1.20
C53 CBY I . -3.99 6.97 -2.21
C14 CBY I . -3.04 8.49 -0.51
C13 CBY I . -4.32 9.36 -0.57
C48 CBY I . -5.37 8.85 0.48
C48 CBY I . -5.39 8.83 0.45
C49 CBY I . -6.27 7.68 0.02
C49 CBY I . -4.84 8.16 1.73
C50 CBY I . -7.42 8.14 -0.80
C50 CBY I . -5.21 6.71 1.79
N52 CBY I . -8.35 8.86 -0.26
N52 CBY I . -4.30 5.81 1.89
O51 CBY I . -7.46 7.83 -1.97
O51 CBY I . -6.38 6.42 1.73
C12 CBY I . -3.80 10.70 -0.02
C46 CBY I . -3.20 11.46 -1.24
C47 CBY I . -4.79 11.71 0.66
C11 CBY I . -2.60 10.27 0.82
N23 CBY I . -2.19 9.03 0.46
C10 CBY I . -1.98 11.05 1.75
C9 CBY I . -0.81 10.78 2.45
C8 CBY I . -0.38 11.68 3.60
C41 CBY I . -1.32 11.51 4.88
C42 CBY I . -1.78 12.81 5.57
C43 CBY I . -2.85 12.54 6.60
N45 CBY I . -3.95 13.23 6.46
O44 CBY I . -2.71 11.72 7.51
C7 CBY I . 1.08 11.16 3.88
C36 CBY I . 1.44 11.35 5.40
C37 CBY I . 2.02 12.11 3.04
C38 CBY I . 2.32 13.48 3.57
N40 CBY I . 3.51 13.96 3.38
O39 CBY I . 1.47 14.15 4.18
C6 CBY I . 1.09 9.78 3.17
N22 CBY I . -0.07 9.68 2.36
C5 CBY I . 1.98 8.74 3.39
C35 CBY I . 3.19 8.83 4.35
C4 CBY I . 1.82 7.42 2.74
C3 CBY I . 2.83 6.24 2.85
C30 CBY I . 2.81 5.20 4.04
C31 CBY I . 2.94 5.72 5.43
C32 CBY I . 3.91 4.98 6.29
N33 CBY I . 4.88 4.25 5.83
O34 CBY I . 3.67 5.16 7.45
C2 CBY I . 2.45 5.47 1.55
C25 CBY I . 2.77 3.94 1.58
C1 CBY I . 0.90 5.74 1.47
C20 CBY I . -0.01 4.92 2.46
N21 CBY I . 0.83 7.16 1.91
CO CBY I . -0.62 8.20 1.23
C26 CBY I . 3.24 6.10 0.33
C27 CBY I . 4.77 5.96 0.40
O28 CBY I . 5.42 6.60 1.25
N29 CBY I . 5.39 5.13 -0.42
C71 CBY I . -4.07 0.47 0.72
C72 CBY I . -5.47 0.33 1.39
C73 CBY I . -6.10 -0.93 0.86
O8 CBY I . -5.30 0.24 2.85
C CYN J . 0.44 8.99 -0.14
N CYN J . 1.08 9.44 -0.98
C CYN K . -1.72 7.53 2.64
N CYN K . -2.39 7.17 3.50
#